data_3BZN
#
_entry.id   3BZN
#
_cell.length_a   65.280
_cell.length_b   70.490
_cell.length_c   90.280
_cell.angle_alpha   90.000
_cell.angle_beta   90.000
_cell.angle_gamma   90.000
#
_symmetry.space_group_name_H-M   'P 21 21 21'
#
loop_
_entity.id
_entity.type
_entity.pdbx_description
1 polymer 'Menaquinone-specific isochorismate synthase'
2 non-polymer 'MAGNESIUM ION'
3 non-polymer 'SULFATE ION'
4 water water
#
_entity_poly.entity_id   1
_entity_poly.type   'polypeptide(L)'
_entity_poly.pdbx_seq_one_letter_code
;MQSLTTALENLLRHLSQEIPATPGIRVIDIPFPLKDAFDALSWLASQQTYPQFYWQQRNGDEEAVVLGAITRFTSLDQAQ
RFLRQHPEHADLRIWGLNAFDPSQGNLLLPRLEWRRCGGKATLRLTLFSESSLQHDAIQAKEFIATLVSIKPLPGLHLTT
TREQHWPDKTGWTQLIELATKTIAEGELDKVVLARATDLHFASPVNAAAMMAASRRLNLNCYHFYMAFDGENAFLGSSPE
RLWRRRDKALRTEALAGTVANNPDDKQAQQLGEWLMADDKNQRENMLVVEDICQRLQADTQTLDVLPPQVLRLRKVQHLR
RCIWTSLNKADDVICLHQLQPTAAVAGLPRDLARQFIARHEPFTREWYAGSAGYLSLQQSEFCVSLRSAKISGNVVRLYA
GAGIVRGSDPEQEWQEIDNKAAGLRTLLQME
;
_entity_poly.pdbx_strand_id   A
#
loop_
_chem_comp.id
_chem_comp.type
_chem_comp.name
_chem_comp.formula
MG non-polymer 'MAGNESIUM ION' 'Mg 2'
SO4 non-polymer 'SULFATE ION' 'O4 S -2'
#
# COMPACT_ATOMS: atom_id res chain seq x y z
N MET A 1 -12.59 -20.18 -14.07
CA MET A 1 -11.86 -19.18 -14.93
C MET A 1 -11.79 -19.59 -16.46
N GLN A 2 -11.46 -20.86 -16.72
CA GLN A 2 -11.76 -21.50 -18.01
C GLN A 2 -13.22 -21.14 -18.42
N SER A 3 -14.21 -21.57 -17.64
CA SER A 3 -15.63 -21.19 -17.88
C SER A 3 -15.90 -19.69 -18.00
N LEU A 4 -15.28 -18.88 -17.14
CA LEU A 4 -15.54 -17.43 -17.18
C LEU A 4 -14.90 -16.76 -18.42
N THR A 5 -13.73 -17.24 -18.84
CA THR A 5 -13.11 -16.78 -20.11
C THR A 5 -14.11 -17.03 -21.24
N THR A 6 -14.55 -18.27 -21.30
CA THR A 6 -15.62 -18.64 -22.21
C THR A 6 -16.83 -17.71 -22.14
N ALA A 7 -17.31 -17.41 -20.93
CA ALA A 7 -18.55 -16.63 -20.79
C ALA A 7 -18.28 -15.18 -21.24
N LEU A 8 -17.06 -14.73 -20.98
CA LEU A 8 -16.63 -13.38 -21.36
C LEU A 8 -16.55 -13.27 -22.86
N GLU A 9 -15.95 -14.27 -23.49
CA GLU A 9 -15.92 -14.37 -24.94
C GLU A 9 -17.31 -14.32 -25.54
N ASN A 10 -18.19 -15.18 -25.00
CA ASN A 10 -19.51 -15.32 -25.56
C ASN A 10 -20.19 -13.93 -25.57
N LEU A 11 -20.36 -13.36 -24.39
CA LEU A 11 -20.63 -11.91 -24.18
C LEU A 11 -19.94 -10.95 -25.18
N LEU A 12 -18.62 -11.00 -25.32
CA LEU A 12 -17.91 -10.02 -26.18
C LEU A 12 -18.21 -10.04 -27.70
N ARG A 13 -18.40 -11.23 -28.24
CA ARG A 13 -18.76 -11.38 -29.67
C ARG A 13 -20.06 -10.63 -29.96
N HIS A 14 -21.00 -10.83 -29.03
CA HIS A 14 -22.33 -10.28 -29.15
C HIS A 14 -22.19 -8.78 -29.07
N LEU A 15 -21.67 -8.26 -27.95
CA LEU A 15 -21.46 -6.81 -27.77
C LEU A 15 -20.78 -6.11 -28.93
N SER A 16 -19.69 -6.70 -29.45
CA SER A 16 -18.86 -6.02 -30.48
C SER A 16 -19.62 -5.69 -31.79
N GLN A 17 -20.73 -6.41 -32.02
CA GLN A 17 -21.65 -6.12 -33.12
C GLN A 17 -22.74 -5.11 -32.72
N GLU A 18 -23.33 -5.32 -31.53
CA GLU A 18 -24.44 -4.47 -31.00
C GLU A 18 -24.04 -3.07 -30.43
N ILE A 19 -23.01 -2.98 -29.57
CA ILE A 19 -22.66 -1.73 -28.88
C ILE A 19 -22.36 -0.62 -29.86
N PRO A 20 -22.87 0.60 -29.56
CA PRO A 20 -22.73 1.77 -30.41
C PRO A 20 -21.29 2.25 -30.53
N ALA A 21 -21.05 2.95 -31.64
CA ALA A 21 -19.80 3.56 -31.94
C ALA A 21 -19.84 4.94 -31.30
N THR A 22 -20.05 4.97 -30.00
CA THR A 22 -20.03 6.19 -29.22
C THR A 22 -19.08 5.98 -28.04
N PRO A 23 -18.43 7.08 -27.55
CA PRO A 23 -17.69 7.08 -26.31
C PRO A 23 -18.45 6.48 -25.17
N GLY A 24 -17.69 5.84 -24.28
CA GLY A 24 -18.20 5.56 -22.94
C GLY A 24 -17.61 4.34 -22.26
N ILE A 25 -18.41 3.82 -21.31
CA ILE A 25 -18.00 2.78 -20.37
C ILE A 25 -19.14 1.81 -20.14
N ARG A 26 -18.78 0.53 -20.20
CA ARG A 26 -19.63 -0.57 -19.71
C ARG A 26 -18.87 -1.33 -18.66
N VAL A 27 -19.63 -1.81 -17.70
CA VAL A 27 -19.10 -2.57 -16.58
C VAL A 27 -19.76 -3.93 -16.55
N ILE A 28 -18.97 -4.99 -16.66
CA ILE A 28 -19.58 -6.31 -16.76
C ILE A 28 -19.17 -7.19 -15.58
N ASP A 29 -20.15 -7.53 -14.74
CA ASP A 29 -19.93 -8.25 -13.52
C ASP A 29 -20.39 -9.71 -13.61
N ILE A 30 -19.48 -10.65 -13.40
CA ILE A 30 -19.85 -12.06 -13.42
C ILE A 30 -19.52 -12.70 -12.07
N PRO A 31 -20.49 -13.45 -11.50
CA PRO A 31 -20.17 -14.07 -10.23
C PRO A 31 -19.00 -15.07 -10.37
N PHE A 32 -18.09 -15.06 -9.40
CA PHE A 32 -16.94 -15.92 -9.50
C PHE A 32 -17.01 -16.97 -8.41
N PRO A 33 -17.39 -18.23 -8.77
CA PRO A 33 -17.57 -19.28 -7.78
C PRO A 33 -16.34 -19.50 -6.93
N LEU A 34 -16.54 -19.53 -5.62
CA LEU A 34 -15.44 -19.91 -4.75
C LEU A 34 -15.81 -21.17 -4.00
N LYS A 35 -16.74 -21.91 -4.61
CA LYS A 35 -16.96 -23.32 -4.32
C LYS A 35 -15.57 -23.96 -4.19
N ASP A 36 -14.81 -23.97 -5.29
CA ASP A 36 -13.40 -24.41 -5.26
C ASP A 36 -12.43 -23.29 -4.98
N ALA A 37 -11.54 -23.52 -4.02
CA ALA A 37 -10.57 -22.51 -3.65
C ALA A 37 -9.78 -22.02 -4.88
N PHE A 38 -9.57 -20.71 -4.94
CA PHE A 38 -8.91 -20.08 -6.08
C PHE A 38 -7.83 -19.26 -5.49
N ASP A 39 -6.59 -19.50 -5.91
CA ASP A 39 -5.46 -18.68 -5.49
C ASP A 39 -5.26 -17.55 -6.50
N ALA A 40 -5.77 -16.36 -6.19
CA ALA A 40 -5.74 -15.24 -7.13
C ALA A 40 -4.31 -14.75 -7.42
N LEU A 41 -3.48 -14.81 -6.38
CA LEU A 41 -2.11 -14.33 -6.53
C LEU A 41 -1.32 -15.15 -7.55
N SER A 42 -1.38 -16.47 -7.41
CA SER A 42 -0.67 -17.35 -8.33
C SER A 42 -1.32 -17.37 -9.69
N TRP A 43 -2.62 -17.13 -9.76
CA TRP A 43 -3.22 -16.90 -11.06
C TRP A 43 -2.64 -15.65 -11.72
N LEU A 44 -2.75 -14.52 -11.03
CA LEU A 44 -2.23 -13.23 -11.55
C LEU A 44 -0.80 -13.43 -12.06
N ALA A 45 0.03 -14.14 -11.29
CA ALA A 45 1.43 -14.36 -11.62
C ALA A 45 1.65 -15.12 -12.91
N SER A 46 0.61 -15.81 -13.38
CA SER A 46 0.69 -16.63 -14.59
C SER A 46 0.61 -15.77 -15.82
N GLN A 47 0.09 -14.56 -15.66
CA GLN A 47 -0.28 -13.76 -16.78
C GLN A 47 0.94 -13.02 -17.28
N GLN A 48 0.85 -12.56 -18.53
CA GLN A 48 1.99 -12.01 -19.27
C GLN A 48 1.71 -10.54 -19.68
N THR A 49 0.53 -10.08 -19.30
CA THR A 49 0.08 -8.73 -19.57
C THR A 49 0.39 -7.90 -18.31
N TYR A 50 0.57 -6.58 -18.50
CA TYR A 50 0.84 -5.66 -17.43
C TYR A 50 0.12 -4.36 -17.71
N PRO A 51 -0.06 -3.52 -16.69
CA PRO A 51 0.39 -3.85 -15.32
C PRO A 51 -0.58 -4.73 -14.55
N GLN A 52 -0.12 -5.15 -13.38
CA GLN A 52 -0.84 -6.05 -12.47
C GLN A 52 -0.82 -5.42 -11.09
N PHE A 53 -1.94 -5.49 -10.39
CA PHE A 53 -1.98 -4.98 -9.02
C PHE A 53 -2.64 -6.02 -8.16
N TYR A 54 -1.99 -6.35 -7.04
CA TYR A 54 -2.59 -7.26 -6.06
C TYR A 54 -2.88 -6.46 -4.77
N TRP A 55 -4.02 -6.67 -4.14
CA TRP A 55 -4.23 -6.01 -2.85
C TRP A 55 -5.08 -6.89 -1.90
N GLN A 56 -4.66 -6.99 -0.65
CA GLN A 56 -5.47 -7.66 0.38
C GLN A 56 -5.57 -6.78 1.62
N GLN A 57 -6.81 -6.50 1.99
N GLN A 57 -6.81 -6.48 2.04
CA GLN A 57 -7.21 -5.89 3.24
CA GLN A 57 -7.11 -5.67 3.22
C GLN A 57 -6.40 -6.48 4.37
C GLN A 57 -6.62 -6.42 4.44
N ARG A 58 -6.06 -5.69 5.40
CA ARG A 58 -5.33 -6.29 6.54
C ARG A 58 -6.09 -7.36 7.33
N ASN A 59 -7.42 -7.24 7.42
CA ASN A 59 -8.25 -8.29 8.04
C ASN A 59 -8.41 -9.56 7.23
N GLY A 60 -7.98 -9.55 5.98
CA GLY A 60 -7.94 -10.76 5.16
C GLY A 60 -9.25 -11.13 4.48
N ASP A 61 -10.29 -10.32 4.70
CA ASP A 61 -11.64 -10.61 4.23
C ASP A 61 -11.99 -9.84 2.92
N GLU A 62 -11.02 -9.12 2.36
CA GLU A 62 -11.23 -8.37 1.10
C GLU A 62 -9.93 -8.50 0.31
N GLU A 63 -10.03 -8.95 -0.92
CA GLU A 63 -8.85 -9.23 -1.73
C GLU A 63 -9.22 -8.94 -3.18
N ALA A 64 -8.28 -8.32 -3.90
CA ALA A 64 -8.46 -7.97 -5.28
C ALA A 64 -7.28 -8.29 -6.19
N VAL A 65 -7.55 -8.70 -7.45
CA VAL A 65 -6.46 -8.65 -8.44
C VAL A 65 -6.90 -7.84 -9.66
N VAL A 66 -6.05 -6.94 -10.14
CA VAL A 66 -6.36 -6.29 -11.39
C VAL A 66 -5.29 -6.53 -12.43
N LEU A 67 -5.75 -6.66 -13.65
CA LEU A 67 -4.86 -6.96 -14.73
C LEU A 67 -5.18 -6.03 -15.90
N GLY A 68 -4.15 -5.36 -16.43
CA GLY A 68 -4.30 -4.47 -17.58
C GLY A 68 -4.92 -3.12 -17.24
N ALA A 69 -4.43 -2.08 -17.89
CA ALA A 69 -4.89 -0.73 -17.56
C ALA A 69 -5.67 -0.23 -18.74
N ILE A 70 -6.97 -0.07 -18.62
CA ILE A 70 -7.63 0.70 -19.65
C ILE A 70 -7.05 2.11 -19.73
N THR A 71 -6.88 2.76 -18.59
CA THR A 71 -6.32 4.11 -18.44
C THR A 71 -5.29 4.10 -17.31
N ARG A 72 -4.28 4.97 -17.44
CA ARG A 72 -3.28 5.13 -16.40
C ARG A 72 -3.40 6.52 -15.85
N PHE A 73 -3.32 6.66 -14.53
CA PHE A 73 -3.43 7.92 -13.88
C PHE A 73 -2.11 8.24 -13.20
N THR A 74 -1.67 9.48 -13.33
CA THR A 74 -0.44 9.96 -12.68
C THR A 74 -0.70 10.58 -11.28
N SER A 75 -1.97 10.66 -10.93
CA SER A 75 -2.27 11.04 -9.56
C SER A 75 -3.66 10.57 -9.17
N LEU A 76 -3.88 10.40 -7.87
CA LEU A 76 -5.21 10.16 -7.34
C LEU A 76 -6.17 11.30 -7.75
N ASP A 77 -5.64 12.51 -7.75
CA ASP A 77 -6.35 13.71 -8.17
C ASP A 77 -6.92 13.51 -9.57
N GLN A 78 -6.11 13.01 -10.50
CA GLN A 78 -6.55 12.77 -11.86
C GLN A 78 -7.56 11.65 -11.93
N ALA A 79 -7.36 10.61 -11.12
CA ALA A 79 -8.26 9.46 -11.08
C ALA A 79 -9.63 9.86 -10.61
N GLN A 80 -9.71 10.73 -9.62
CA GLN A 80 -11.01 11.16 -9.04
C GLN A 80 -11.80 12.05 -10.01
N ARG A 81 -11.08 12.94 -10.69
CA ARG A 81 -11.69 13.73 -11.81
C ARG A 81 -12.41 12.75 -12.76
N PHE A 82 -11.74 11.67 -13.15
CA PHE A 82 -12.31 10.71 -14.02
C PHE A 82 -13.53 10.04 -13.38
N LEU A 83 -13.39 9.53 -12.15
CA LEU A 83 -14.53 8.88 -11.54
C LEU A 83 -15.78 9.78 -11.55
N ARG A 84 -15.57 11.07 -11.33
CA ARG A 84 -16.64 12.04 -11.11
C ARG A 84 -17.41 12.41 -12.38
N GLN A 85 -16.79 12.10 -13.51
CA GLN A 85 -17.46 12.05 -14.81
C GLN A 85 -18.22 10.77 -15.07
N HIS A 86 -18.39 9.94 -14.04
CA HIS A 86 -19.09 8.67 -14.16
C HIS A 86 -19.86 8.33 -12.94
N PRO A 87 -20.73 9.26 -12.50
CA PRO A 87 -21.43 9.15 -11.23
C PRO A 87 -22.40 7.93 -11.19
N GLU A 88 -22.69 7.38 -12.37
CA GLU A 88 -23.66 6.32 -12.59
C GLU A 88 -23.12 4.98 -12.19
N HIS A 89 -21.78 4.91 -12.12
CA HIS A 89 -21.07 3.78 -11.59
C HIS A 89 -20.28 4.23 -10.39
N ALA A 90 -20.99 4.44 -9.29
CA ALA A 90 -20.40 4.85 -8.00
C ALA A 90 -19.44 3.83 -7.36
N ASP A 91 -19.40 2.62 -7.91
CA ASP A 91 -18.59 1.53 -7.35
C ASP A 91 -17.50 1.19 -8.31
N LEU A 92 -17.26 2.08 -9.25
CA LEU A 92 -16.14 1.91 -10.16
C LEU A 92 -14.83 2.23 -9.48
N ARG A 93 -13.90 1.28 -9.47
CA ARG A 93 -12.70 1.36 -8.63
C ARG A 93 -11.42 1.53 -9.47
N ILE A 94 -10.60 2.49 -9.06
CA ILE A 94 -9.28 2.69 -9.60
C ILE A 94 -8.34 2.24 -8.52
N TRP A 95 -7.25 1.62 -8.95
CA TRP A 95 -6.38 0.81 -8.12
C TRP A 95 -4.92 1.25 -8.24
N GLY A 96 -4.20 1.35 -7.12
CA GLY A 96 -2.73 1.42 -7.23
C GLY A 96 -2.07 2.26 -6.21
N LEU A 97 -1.06 3.03 -6.62
CA LEU A 97 -0.15 3.68 -5.66
C LEU A 97 -0.14 5.19 -5.73
N ASN A 98 0.10 5.78 -4.55
CA ASN A 98 0.58 7.14 -4.31
C ASN A 98 2.02 7.00 -3.83
N ALA A 99 2.91 7.79 -4.42
CA ALA A 99 4.29 7.86 -3.98
C ALA A 99 4.41 8.61 -2.67
N PHE A 100 5.60 8.64 -2.10
CA PHE A 100 5.81 9.38 -0.84
C PHE A 100 5.25 10.81 -0.92
N ASP A 101 5.58 11.48 -2.02
CA ASP A 101 4.95 12.72 -2.37
C ASP A 101 3.56 12.43 -2.94
N PRO A 102 2.50 12.84 -2.21
CA PRO A 102 1.18 12.34 -2.55
C PRO A 102 0.64 12.85 -3.89
N SER A 103 1.29 13.89 -4.45
CA SER A 103 0.84 14.49 -5.72
CA SER A 103 0.86 14.51 -5.70
C SER A 103 1.26 13.65 -6.94
N GLN A 104 2.13 12.65 -6.72
CA GLN A 104 2.51 11.66 -7.74
C GLN A 104 1.93 10.29 -7.42
N GLY A 105 1.31 9.64 -8.42
CA GLY A 105 0.71 8.35 -8.22
C GLY A 105 0.93 7.49 -9.47
N ASN A 106 0.57 6.23 -9.36
CA ASN A 106 0.47 5.32 -10.49
C ASN A 106 -0.78 4.45 -10.22
N LEU A 107 -1.89 4.81 -10.82
CA LEU A 107 -3.18 4.21 -10.54
C LEU A 107 -3.78 3.77 -11.86
N LEU A 108 -4.65 2.77 -11.85
CA LEU A 108 -5.18 2.23 -13.12
C LEU A 108 -6.67 2.08 -13.06
N LEU A 109 -7.30 2.16 -14.22
CA LEU A 109 -8.67 1.74 -14.40
C LEU A 109 -8.41 0.38 -14.91
N PRO A 110 -8.76 -0.68 -14.13
CA PRO A 110 -8.47 -2.05 -14.51
C PRO A 110 -9.33 -2.53 -15.67
N ARG A 111 -8.69 -3.24 -16.59
CA ARG A 111 -9.44 -3.91 -17.65
C ARG A 111 -10.23 -5.07 -17.02
N LEU A 112 -9.54 -5.85 -16.20
CA LEU A 112 -10.12 -7.01 -15.49
C LEU A 112 -9.86 -6.84 -13.99
N GLU A 113 -10.92 -7.05 -13.20
CA GLU A 113 -10.86 -6.94 -11.76
C GLU A 113 -11.51 -8.15 -11.13
N TRP A 114 -10.71 -8.96 -10.47
CA TRP A 114 -11.24 -9.95 -9.56
C TRP A 114 -11.25 -9.39 -8.13
N ARG A 115 -12.44 -9.37 -7.52
CA ARG A 115 -12.55 -8.86 -6.17
C ARG A 115 -13.27 -9.89 -5.33
N ARG A 116 -12.71 -10.25 -4.18
CA ARG A 116 -13.34 -11.08 -3.17
C ARG A 116 -13.72 -10.29 -1.90
N CYS A 117 -14.94 -10.48 -1.41
CA CYS A 117 -15.38 -10.06 -0.07
C CYS A 117 -15.87 -11.30 0.65
N GLY A 118 -15.21 -11.74 1.69
CA GLY A 118 -15.68 -12.97 2.32
C GLY A 118 -15.32 -14.23 1.55
N GLY A 119 -16.31 -15.10 1.40
CA GLY A 119 -16.19 -16.38 0.68
C GLY A 119 -16.86 -16.31 -0.69
N LYS A 120 -17.01 -15.07 -1.19
CA LYS A 120 -17.72 -14.67 -2.43
C LYS A 120 -16.89 -13.72 -3.33
N ALA A 121 -16.87 -13.93 -4.65
CA ALA A 121 -16.00 -13.15 -5.57
C ALA A 121 -16.76 -12.74 -6.81
N THR A 122 -16.24 -11.75 -7.53
CA THR A 122 -16.87 -11.23 -8.73
C THR A 122 -15.76 -10.95 -9.70
N LEU A 123 -15.95 -11.31 -10.95
CA LEU A 123 -15.00 -10.88 -11.96
C LEU A 123 -15.61 -9.71 -12.72
N ARG A 124 -14.91 -8.58 -12.77
CA ARG A 124 -15.47 -7.48 -13.50
C ARG A 124 -14.63 -7.19 -14.73
N LEU A 125 -15.32 -7.11 -15.87
CA LEU A 125 -14.68 -6.64 -17.11
C LEU A 125 -15.25 -5.22 -17.39
N THR A 126 -14.37 -4.29 -17.70
CA THR A 126 -14.93 -3.01 -18.09
C THR A 126 -14.50 -2.63 -19.49
N LEU A 127 -15.43 -1.91 -20.13
CA LEU A 127 -15.23 -1.42 -21.47
C LEU A 127 -15.27 0.04 -21.32
N PHE A 128 -14.24 0.70 -21.85
CA PHE A 128 -14.17 2.14 -21.85
C PHE A 128 -13.67 2.61 -23.20
N SER A 129 -14.31 3.65 -23.75
CA SER A 129 -13.71 4.38 -24.90
C SER A 129 -13.96 5.90 -24.91
N GLU A 130 -12.95 6.59 -25.42
CA GLU A 130 -13.00 8.04 -25.71
C GLU A 130 -13.70 8.31 -27.06
N SER A 131 -13.50 7.39 -28.03
CA SER A 131 -14.16 7.38 -29.35
C SER A 131 -15.33 6.36 -29.50
N SER A 132 -15.03 5.06 -29.41
CA SER A 132 -16.07 4.03 -29.64
C SER A 132 -16.02 2.82 -28.68
N LEU A 133 -17.08 2.64 -27.88
CA LEU A 133 -17.26 1.39 -27.12
C LEU A 133 -17.24 0.12 -28.01
N GLN A 134 -17.96 0.16 -29.14
CA GLN A 134 -17.82 -0.91 -30.16
C GLN A 134 -16.37 -1.28 -30.41
N HIS A 135 -15.52 -0.28 -30.59
CA HIS A 135 -14.07 -0.44 -30.83
C HIS A 135 -13.33 -1.23 -29.71
N ASP A 136 -13.48 -0.69 -28.50
CA ASP A 136 -12.92 -1.24 -27.27
C ASP A 136 -13.42 -2.62 -26.91
N ALA A 137 -14.67 -2.94 -27.29
CA ALA A 137 -15.12 -4.34 -27.29
C ALA A 137 -14.15 -5.32 -28.00
N ILE A 138 -13.59 -4.92 -29.16
CA ILE A 138 -12.67 -5.83 -29.85
C ILE A 138 -11.29 -5.90 -29.17
N GLN A 139 -10.88 -4.79 -28.57
CA GLN A 139 -9.66 -4.76 -27.74
C GLN A 139 -9.86 -5.64 -26.52
N ALA A 140 -11.05 -5.55 -25.92
CA ALA A 140 -11.39 -6.42 -24.81
C ALA A 140 -11.24 -7.90 -25.19
N LYS A 141 -11.79 -8.29 -26.35
CA LYS A 141 -11.61 -9.67 -26.90
C LYS A 141 -10.18 -10.09 -27.00
N GLU A 142 -9.34 -9.26 -27.59
CA GLU A 142 -7.90 -9.57 -27.67
C GLU A 142 -7.28 -9.69 -26.28
N PHE A 143 -7.73 -8.83 -25.35
CA PHE A 143 -7.24 -8.93 -23.95
C PHE A 143 -7.53 -10.31 -23.34
N ILE A 144 -8.77 -10.70 -23.46
CA ILE A 144 -9.19 -12.01 -22.95
C ILE A 144 -8.32 -13.13 -23.55
N ALA A 145 -8.01 -13.01 -24.84
CA ALA A 145 -7.30 -14.06 -25.58
C ALA A 145 -5.87 -14.20 -25.07
N THR A 146 -5.46 -13.20 -24.31
CA THR A 146 -4.19 -13.12 -23.67
C THR A 146 -4.11 -13.99 -22.42
N LEU A 147 -5.26 -14.35 -21.90
CA LEU A 147 -5.31 -15.04 -20.64
C LEU A 147 -4.80 -16.44 -20.75
N VAL A 148 -4.12 -16.85 -19.71
CA VAL A 148 -3.38 -18.07 -19.69
C VAL A 148 -3.90 -18.79 -18.43
N SER A 149 -3.94 -20.11 -18.44
CA SER A 149 -4.46 -20.80 -17.27
C SER A 149 -3.42 -20.78 -16.13
N ILE A 150 -3.88 -21.01 -14.89
CA ILE A 150 -3.06 -20.90 -13.65
C ILE A 150 -1.96 -21.90 -13.70
N LYS A 151 -0.75 -21.45 -13.42
CA LYS A 151 0.37 -22.35 -13.24
C LYS A 151 0.73 -22.30 -11.79
N PRO A 152 1.40 -23.35 -11.27
CA PRO A 152 1.85 -23.24 -9.88
C PRO A 152 2.91 -22.14 -9.75
N LEU A 153 3.02 -21.57 -8.57
CA LEU A 153 3.89 -20.43 -8.30
C LEU A 153 5.03 -20.97 -7.48
N PRO A 154 6.27 -20.88 -7.98
CA PRO A 154 7.41 -21.49 -7.26
C PRO A 154 7.73 -20.69 -6.04
N GLY A 155 8.30 -21.31 -5.02
CA GLY A 155 8.88 -20.56 -3.92
C GLY A 155 10.18 -19.95 -4.44
N LEU A 156 10.73 -19.00 -3.71
CA LEU A 156 11.94 -18.27 -4.08
C LEU A 156 13.19 -19.11 -3.89
N HIS A 157 14.06 -19.09 -4.88
CA HIS A 157 15.33 -19.82 -4.80
C HIS A 157 16.37 -18.81 -5.23
N LEU A 158 16.91 -18.11 -4.25
CA LEU A 158 17.66 -16.89 -4.50
C LEU A 158 19.06 -16.96 -3.97
N THR A 159 20.03 -16.60 -4.81
CA THR A 159 21.43 -16.52 -4.38
C THR A 159 21.88 -15.05 -4.34
N THR A 160 22.16 -14.58 -3.11
CA THR A 160 22.60 -13.20 -2.85
C THR A 160 23.98 -12.91 -3.47
N THR A 161 23.98 -11.91 -4.36
CA THR A 161 25.11 -11.46 -5.19
C THR A 161 25.80 -10.26 -4.50
N ARG A 162 25.01 -9.37 -3.89
CA ARG A 162 25.52 -8.06 -3.38
C ARG A 162 24.60 -7.52 -2.25
N GLU A 163 25.19 -6.77 -1.32
CA GLU A 163 24.45 -6.10 -0.26
C GLU A 163 25.01 -4.72 -0.01
N GLN A 164 24.09 -3.74 0.13
CA GLN A 164 24.43 -2.39 0.51
C GLN A 164 23.28 -1.65 1.19
N HIS A 165 23.56 -1.05 2.36
CA HIS A 165 22.67 -0.15 3.10
C HIS A 165 22.87 1.26 2.65
N TRP A 166 21.79 2.05 2.57
CA TRP A 166 21.84 3.51 2.44
C TRP A 166 20.92 4.21 3.48
N PRO A 167 21.47 4.67 4.62
CA PRO A 167 22.88 4.69 4.98
C PRO A 167 23.31 3.37 5.64
N ASP A 168 24.60 3.14 5.85
CA ASP A 168 25.05 2.02 6.68
C ASP A 168 25.03 2.44 8.16
N LYS A 169 25.47 1.59 9.08
CA LYS A 169 25.31 1.80 10.50
C LYS A 169 26.05 3.03 10.96
N THR A 170 27.25 3.19 10.40
CA THR A 170 28.12 4.27 10.76
C THR A 170 27.46 5.58 10.36
N GLY A 171 27.02 5.63 9.12
CA GLY A 171 26.31 6.78 8.54
C GLY A 171 24.96 7.01 9.20
N TRP A 172 24.29 5.93 9.59
CA TRP A 172 23.02 6.04 10.32
C TRP A 172 23.21 6.78 11.64
N THR A 173 24.21 6.37 12.44
CA THR A 173 24.48 7.01 13.73
C THR A 173 24.69 8.50 13.61
N GLN A 174 25.45 8.94 12.62
CA GLN A 174 25.69 10.36 12.51
C GLN A 174 24.40 11.08 12.12
N LEU A 175 23.58 10.42 11.33
CA LEU A 175 22.27 10.93 10.90
C LEU A 175 21.30 11.09 12.04
N ILE A 176 21.14 10.06 12.84
CA ILE A 176 20.24 10.12 13.98
C ILE A 176 20.76 11.16 15.00
N GLU A 177 22.05 11.08 15.30
CA GLU A 177 22.71 12.11 16.07
C GLU A 177 22.42 13.53 15.54
N LEU A 178 22.53 13.71 14.23
CA LEU A 178 22.26 15.03 13.62
C LEU A 178 20.79 15.40 13.83
N ALA A 179 19.93 14.40 13.66
CA ALA A 179 18.49 14.64 13.75
C ALA A 179 18.04 15.04 15.17
N THR A 180 18.54 14.33 16.16
CA THR A 180 18.25 14.68 17.53
C THR A 180 18.80 16.04 17.93
N LYS A 181 19.99 16.38 17.43
CA LYS A 181 20.64 17.62 17.69
C LYS A 181 19.73 18.71 17.18
N THR A 182 19.12 18.48 16.03
CA THR A 182 18.24 19.46 15.33
C THR A 182 16.90 19.62 16.00
N ILE A 183 16.45 18.53 16.60
CA ILE A 183 15.17 18.50 17.29
C ILE A 183 15.37 19.35 18.59
N ALA A 184 16.58 19.23 19.15
CA ALA A 184 17.02 20.02 20.30
C ALA A 184 17.16 21.54 20.03
N GLU A 185 16.96 21.92 18.77
CA GLU A 185 16.93 23.32 18.41
C GLU A 185 15.56 23.93 18.70
N GLY A 186 14.64 23.08 19.12
CA GLY A 186 13.30 23.49 19.48
C GLY A 186 12.27 23.71 18.39
N GLU A 187 12.63 23.65 17.09
CA GLU A 187 11.64 23.88 16.01
C GLU A 187 11.04 22.60 15.41
N LEU A 188 11.93 21.65 15.08
CA LEU A 188 11.56 20.32 14.58
C LEU A 188 11.26 19.47 15.77
N ASP A 189 10.08 18.85 15.78
CA ASP A 189 9.67 17.98 16.86
C ASP A 189 9.90 16.51 16.56
N LYS A 190 9.82 16.13 15.29
CA LYS A 190 9.99 14.74 14.90
C LYS A 190 10.32 14.65 13.42
N VAL A 191 11.22 13.72 13.09
CA VAL A 191 11.51 13.34 11.71
C VAL A 191 11.60 11.80 11.61
N VAL A 192 10.97 11.24 10.59
CA VAL A 192 11.11 9.81 10.32
C VAL A 192 12.16 9.60 9.27
N LEU A 193 13.22 8.84 9.59
CA LEU A 193 14.35 8.69 8.67
C LEU A 193 14.49 7.19 8.40
N ALA A 194 14.80 6.82 7.15
CA ALA A 194 14.68 5.44 6.68
C ALA A 194 16.06 4.93 6.17
N ARG A 195 16.17 3.63 5.92
CA ARG A 195 17.32 3.05 5.26
C ARG A 195 16.87 2.25 4.08
N ALA A 196 17.49 2.45 2.91
CA ALA A 196 17.25 1.54 1.77
C ALA A 196 18.37 0.53 1.77
N THR A 197 18.00 -0.75 1.63
CA THR A 197 18.96 -1.89 1.55
C THR A 197 18.78 -2.58 0.21
N ASP A 198 19.77 -2.31 -0.66
CA ASP A 198 19.88 -2.89 -1.98
C ASP A 198 20.46 -4.32 -1.88
N LEU A 199 19.66 -5.28 -2.31
CA LEU A 199 20.01 -6.70 -2.27
C LEU A 199 20.07 -7.16 -3.70
N HIS A 200 21.25 -7.59 -4.15
CA HIS A 200 21.37 -8.14 -5.50
C HIS A 200 21.40 -9.62 -5.41
N PHE A 201 20.77 -10.25 -6.39
CA PHE A 201 20.72 -11.70 -6.47
C PHE A 201 21.26 -12.22 -7.79
N ALA A 202 21.69 -13.47 -7.73
CA ALA A 202 22.20 -14.14 -8.91
C ALA A 202 21.21 -14.16 -10.07
N SER A 203 19.91 -13.99 -9.80
CA SER A 203 18.86 -14.09 -10.82
C SER A 203 17.79 -13.05 -10.55
N PRO A 204 16.89 -12.84 -11.50
CA PRO A 204 15.72 -11.99 -11.24
C PRO A 204 14.82 -12.50 -10.10
N VAL A 205 14.15 -11.57 -9.43
CA VAL A 205 13.31 -11.94 -8.29
C VAL A 205 11.89 -12.04 -8.82
N ASN A 206 11.23 -13.15 -8.50
CA ASN A 206 9.78 -13.30 -8.71
C ASN A 206 8.99 -12.58 -7.58
N ALA A 207 8.58 -11.35 -7.92
CA ALA A 207 7.91 -10.44 -7.01
C ALA A 207 6.60 -11.08 -6.56
N ALA A 208 5.93 -11.80 -7.46
CA ALA A 208 4.68 -12.46 -7.06
C ALA A 208 4.90 -13.50 -6.00
N ALA A 209 6.01 -14.25 -6.10
CA ALA A 209 6.35 -15.31 -5.16
C ALA A 209 6.81 -14.68 -3.85
N MET A 210 7.52 -13.54 -3.98
CA MET A 210 7.82 -12.74 -2.81
C MET A 210 6.49 -12.31 -2.11
N MET A 211 5.55 -11.80 -2.91
CA MET A 211 4.29 -11.38 -2.33
C MET A 211 3.65 -12.55 -1.58
N ALA A 212 3.57 -13.74 -2.20
CA ALA A 212 2.91 -14.96 -1.62
C ALA A 212 3.56 -15.41 -0.32
N ALA A 213 4.88 -15.44 -0.33
CA ALA A 213 5.63 -15.72 0.86
C ALA A 213 5.29 -14.72 1.99
N SER A 214 5.11 -13.44 1.67
CA SER A 214 4.78 -12.45 2.72
C SER A 214 3.36 -12.68 3.26
N ARG A 215 2.40 -13.00 2.39
CA ARG A 215 0.98 -13.26 2.75
C ARG A 215 0.93 -14.50 3.67
N ARG A 216 1.77 -15.50 3.35
CA ARG A 216 1.87 -16.69 4.20
C ARG A 216 2.35 -16.37 5.61
N LEU A 217 3.38 -15.53 5.75
CA LEU A 217 3.95 -15.27 7.06
C LEU A 217 3.60 -13.91 7.70
N ASN A 218 3.47 -12.85 6.90
CA ASN A 218 3.26 -11.51 7.48
C ASN A 218 1.76 -11.27 7.69
N LEU A 219 1.20 -11.87 8.77
CA LEU A 219 -0.27 -11.84 9.05
C LEU A 219 -0.69 -10.52 9.60
N ASN A 220 -1.98 -10.20 9.44
CA ASN A 220 -2.58 -8.97 10.05
C ASN A 220 -2.04 -7.74 9.40
N CYS A 221 -1.58 -7.92 8.16
CA CYS A 221 -0.99 -6.83 7.35
C CYS A 221 -1.76 -6.71 6.06
N TYR A 222 -1.92 -5.50 5.54
CA TYR A 222 -2.35 -5.32 4.15
C TYR A 222 -1.21 -5.77 3.23
N HIS A 223 -1.55 -6.40 2.13
CA HIS A 223 -0.58 -6.78 1.10
C HIS A 223 -0.93 -6.03 -0.18
N PHE A 224 0.07 -5.43 -0.78
CA PHE A 224 -0.12 -4.67 -1.96
C PHE A 224 1.04 -5.06 -2.86
N TYR A 225 0.74 -5.22 -4.13
CA TYR A 225 1.80 -5.54 -5.08
C TYR A 225 1.47 -4.93 -6.41
N MET A 226 2.34 -4.04 -6.91
CA MET A 226 2.20 -3.53 -8.28
C MET A 226 3.37 -4.02 -9.12
N ALA A 227 3.04 -4.75 -10.20
CA ALA A 227 3.96 -5.02 -11.33
C ALA A 227 3.84 -3.92 -12.38
N PHE A 228 4.84 -3.05 -12.49
CA PHE A 228 4.77 -1.95 -13.45
C PHE A 228 4.88 -2.61 -14.82
N ASP A 229 5.78 -3.59 -14.91
CA ASP A 229 5.89 -4.38 -16.10
C ASP A 229 6.68 -5.57 -15.63
N GLY A 230 7.06 -6.43 -16.56
CA GLY A 230 7.77 -7.67 -16.22
C GLY A 230 9.05 -7.58 -15.46
N GLU A 231 9.72 -6.44 -15.54
CA GLU A 231 11.02 -6.31 -14.85
C GLU A 231 10.99 -5.49 -13.56
N ASN A 232 9.88 -4.75 -13.34
CA ASN A 232 9.80 -3.80 -12.24
C ASN A 232 8.58 -3.89 -11.35
N ALA A 233 8.79 -3.96 -10.05
CA ALA A 233 7.66 -4.13 -9.11
C ALA A 233 7.84 -3.32 -7.81
N PHE A 234 6.75 -3.12 -7.08
CA PHE A 234 6.75 -2.50 -5.73
C PHE A 234 5.76 -3.32 -4.92
N LEU A 235 6.17 -3.90 -3.80
CA LEU A 235 5.13 -4.62 -2.99
C LEU A 235 5.39 -4.41 -1.52
N GLY A 236 4.51 -4.92 -0.67
CA GLY A 236 4.85 -4.96 0.73
C GLY A 236 3.68 -5.43 1.56
N SER A 237 3.92 -5.52 2.84
CA SER A 237 2.93 -6.09 3.78
C SER A 237 2.85 -5.13 4.94
N SER A 238 1.94 -4.19 4.85
CA SER A 238 1.97 -3.11 5.81
C SER A 238 0.86 -3.18 6.88
N PRO A 239 1.24 -2.94 8.18
CA PRO A 239 0.14 -3.05 9.17
C PRO A 239 -0.76 -1.80 9.24
N GLU A 240 -0.46 -0.80 8.43
CA GLU A 240 -1.03 0.55 8.68
C GLU A 240 -1.98 1.10 7.58
N ARG A 241 -3.13 1.64 7.99
CA ARG A 241 -4.12 2.26 7.16
C ARG A 241 -3.83 3.76 7.03
N LEU A 242 -3.87 4.28 5.81
CA LEU A 242 -3.78 5.72 5.70
C LEU A 242 -5.18 6.24 6.01
N TRP A 243 -6.14 5.83 5.20
CA TRP A 243 -7.55 6.11 5.45
C TRP A 243 -8.45 5.05 4.81
N ARG A 244 -9.69 5.03 5.30
CA ARG A 244 -10.70 4.30 4.71
C ARG A 244 -11.91 5.24 4.75
N ARG A 245 -12.68 5.26 3.68
CA ARG A 245 -13.81 6.19 3.54
C ARG A 245 -15.00 5.43 3.04
N ARG A 246 -16.12 5.57 3.77
CA ARG A 246 -17.41 5.09 3.27
CA ARG A 246 -17.43 5.11 3.29
C ARG A 246 -18.33 6.32 3.17
N ASP A 247 -18.52 6.77 1.94
CA ASP A 247 -19.22 8.01 1.65
CA ASP A 247 -19.19 8.01 1.59
C ASP A 247 -18.53 9.15 2.38
N LYS A 248 -19.06 9.50 3.56
CA LYS A 248 -18.45 10.57 4.35
C LYS A 248 -17.74 10.10 5.60
N ALA A 249 -17.96 8.86 6.03
CA ALA A 249 -17.42 8.34 7.30
C ALA A 249 -16.00 8.05 6.96
N LEU A 250 -15.10 8.67 7.75
CA LEU A 250 -13.67 8.57 7.55
C LEU A 250 -13.00 7.84 8.74
N ARG A 251 -12.19 6.83 8.43
CA ARG A 251 -11.31 6.12 9.42
C ARG A 251 -9.79 6.29 9.12
N THR A 252 -9.01 6.67 10.14
CA THR A 252 -7.55 6.69 10.06
C THR A 252 -7.00 6.23 11.45
N GLU A 253 -5.70 6.32 11.67
CA GLU A 253 -5.13 5.86 12.95
C GLU A 253 -3.79 6.49 13.13
N ALA A 254 -3.39 6.67 14.38
CA ALA A 254 -2.03 7.15 14.70
C ALA A 254 -1.31 5.89 15.08
N LEU A 255 -0.42 5.48 14.20
CA LEU A 255 0.27 4.21 14.37
C LEU A 255 1.75 4.54 14.30
N ALA A 256 2.39 4.39 15.45
CA ALA A 256 3.77 4.86 15.65
C ALA A 256 4.16 4.45 17.07
N GLY A 257 5.43 4.09 17.26
CA GLY A 257 5.88 3.53 18.55
C GLY A 257 5.99 2.05 18.25
N THR A 258 7.11 1.40 18.57
CA THR A 258 7.37 0.05 18.15
C THR A 258 8.08 -0.68 19.31
N VAL A 259 7.78 -1.97 19.54
CA VAL A 259 8.72 -2.86 20.23
C VAL A 259 8.83 -4.11 19.39
N ALA A 260 9.85 -4.91 19.68
CA ALA A 260 9.95 -6.26 19.10
C ALA A 260 8.69 -7.04 19.43
N ASN A 261 8.32 -7.92 18.52
CA ASN A 261 7.44 -9.02 18.86
C ASN A 261 8.28 -10.14 19.49
N ASN A 262 7.62 -11.08 20.14
CA ASN A 262 8.21 -12.37 20.52
C ASN A 262 7.16 -13.40 20.15
N PRO A 263 7.61 -14.54 19.63
CA PRO A 263 6.70 -15.64 19.25
C PRO A 263 5.85 -16.17 20.43
N ASP A 264 6.44 -16.18 21.63
CA ASP A 264 5.76 -16.46 22.90
C ASP A 264 4.80 -15.33 23.33
N ASP A 265 3.56 -15.72 23.52
CA ASP A 265 2.48 -14.76 23.76
C ASP A 265 2.62 -13.87 25.01
N LYS A 266 3.01 -14.47 26.13
CA LYS A 266 3.21 -13.71 27.38
C LYS A 266 4.30 -12.67 27.16
N GLN A 267 5.43 -13.12 26.61
CA GLN A 267 6.54 -12.23 26.41
C GLN A 267 6.10 -11.06 25.47
N ALA A 268 5.35 -11.41 24.42
CA ALA A 268 4.83 -10.40 23.45
C ALA A 268 3.99 -9.40 24.22
N GLN A 269 3.14 -9.94 25.08
CA GLN A 269 2.27 -9.10 25.86
C GLN A 269 2.98 -8.22 26.85
N GLN A 270 3.99 -8.77 27.51
CA GLN A 270 4.83 -7.99 28.42
C GLN A 270 5.64 -6.95 27.70
N LEU A 271 6.13 -7.27 26.53
CA LEU A 271 6.88 -6.30 25.74
C LEU A 271 5.96 -5.14 25.32
N GLY A 272 4.70 -5.47 25.02
CA GLY A 272 3.68 -4.50 24.64
C GLY A 272 3.32 -3.55 25.78
N GLU A 273 3.28 -4.10 26.98
CA GLU A 273 3.07 -3.32 28.21
C GLU A 273 4.20 -2.33 28.46
N TRP A 274 5.44 -2.78 28.19
CA TRP A 274 6.58 -1.92 28.29
C TRP A 274 6.39 -0.77 27.33
N LEU A 275 6.04 -1.05 26.07
CA LEU A 275 5.77 -0.04 25.05
C LEU A 275 4.70 1.01 25.42
N MET A 276 3.57 0.53 25.95
CA MET A 276 2.46 1.40 26.35
C MET A 276 2.89 2.34 27.42
N ALA A 277 3.78 1.86 28.28
CA ALA A 277 4.22 2.67 29.42
C ALA A 277 5.43 3.56 29.07
N ASP A 278 5.98 3.38 27.87
CA ASP A 278 7.25 4.05 27.51
C ASP A 278 7.12 5.49 27.00
N ASP A 279 7.69 6.44 27.73
CA ASP A 279 7.54 7.86 27.44
C ASP A 279 7.92 8.22 26.02
N LYS A 280 9.08 7.72 25.60
CA LYS A 280 9.67 8.00 24.31
C LYS A 280 8.75 7.56 23.18
N ASN A 281 8.31 6.33 23.24
CA ASN A 281 7.31 5.83 22.29
C ASN A 281 5.94 6.41 22.39
N GLN A 282 5.47 6.64 23.60
CA GLN A 282 4.24 7.41 23.79
C GLN A 282 4.28 8.74 23.02
N ARG A 283 5.36 9.47 23.14
CA ARG A 283 5.48 10.77 22.56
C ARG A 283 5.56 10.62 21.02
N GLU A 284 6.30 9.60 20.56
CA GLU A 284 6.40 9.26 19.15
C GLU A 284 5.03 9.06 18.53
N ASN A 285 4.12 8.44 19.26
CA ASN A 285 2.75 8.24 18.80
C ASN A 285 1.85 9.50 18.91
N MET A 286 1.97 10.24 20.02
CA MET A 286 1.14 11.42 20.34
C MET A 286 1.37 12.50 19.30
N LEU A 287 2.59 12.54 18.79
CA LEU A 287 2.95 13.49 17.73
C LEU A 287 2.21 13.25 16.42
N VAL A 288 1.87 11.99 16.17
CA VAL A 288 1.00 11.59 15.05
C VAL A 288 -0.47 11.97 15.30
N VAL A 289 -1.01 11.69 16.48
CA VAL A 289 -2.36 12.14 16.78
C VAL A 289 -2.49 13.67 16.56
N GLU A 290 -1.52 14.45 17.07
CA GLU A 290 -1.49 15.92 16.91
C GLU A 290 -1.50 16.37 15.46
N ASP A 291 -0.75 15.64 14.64
CA ASP A 291 -0.59 16.05 13.27
C ASP A 291 -1.91 15.72 12.57
N ILE A 292 -2.50 14.56 12.88
CA ILE A 292 -3.59 14.07 12.10
C ILE A 292 -4.80 14.94 12.43
N CYS A 293 -4.94 15.24 13.74
CA CYS A 293 -6.11 15.97 14.22
C CYS A 293 -6.12 17.37 13.66
N GLN A 294 -4.96 18.03 13.64
CA GLN A 294 -4.76 19.34 13.04
C GLN A 294 -5.06 19.29 11.59
N ARG A 295 -4.43 18.32 10.89
CA ARG A 295 -4.59 18.25 9.43
C ARG A 295 -6.07 18.10 8.98
N LEU A 296 -6.88 17.46 9.85
CA LEU A 296 -8.30 17.15 9.56
C LEU A 296 -9.35 18.19 10.07
N GLN A 297 -8.96 19.03 11.04
CA GLN A 297 -9.79 20.16 11.52
C GLN A 297 -10.67 20.88 10.50
N ALA A 298 -10.06 21.51 9.50
CA ALA A 298 -10.85 22.29 8.54
C ALA A 298 -11.85 21.44 7.69
N ASP A 299 -11.57 20.16 7.44
CA ASP A 299 -12.36 19.38 6.47
C ASP A 299 -13.24 18.27 7.06
N THR A 300 -13.32 18.21 8.39
CA THR A 300 -14.13 17.17 9.05
C THR A 300 -14.99 17.66 10.23
N GLN A 301 -15.78 16.75 10.81
CA GLN A 301 -16.78 17.07 11.81
C GLN A 301 -16.29 16.40 13.11
N THR A 302 -17.17 16.06 14.04
CA THR A 302 -16.61 15.49 15.27
C THR A 302 -15.69 14.26 15.27
N LEU A 303 -14.46 14.52 15.71
CA LEU A 303 -13.32 13.60 15.75
C LEU A 303 -13.16 12.82 17.06
N ASP A 304 -13.02 11.50 16.93
CA ASP A 304 -12.88 10.59 18.06
CA ASP A 304 -12.86 10.62 18.08
C ASP A 304 -11.53 9.89 17.94
N VAL A 305 -10.63 10.12 18.92
CA VAL A 305 -9.35 9.43 18.96
C VAL A 305 -9.47 8.42 20.12
N LEU A 306 -9.29 7.15 19.81
CA LEU A 306 -9.41 6.11 20.80
C LEU A 306 -8.16 5.92 21.65
N PRO A 307 -8.33 5.28 22.82
CA PRO A 307 -7.09 5.00 23.53
C PRO A 307 -6.13 4.02 22.80
N PRO A 308 -4.81 4.17 23.07
CA PRO A 308 -3.80 3.38 22.40
C PRO A 308 -4.03 1.93 22.63
N GLN A 309 -3.77 1.09 21.59
CA GLN A 309 -3.75 -0.38 21.66
C GLN A 309 -2.39 -0.85 21.15
N VAL A 310 -1.92 -1.99 21.60
CA VAL A 310 -0.75 -2.58 20.98
C VAL A 310 -1.19 -3.44 19.83
N LEU A 311 -0.54 -3.29 18.68
CA LEU A 311 -0.82 -4.13 17.55
C LEU A 311 0.40 -5.03 17.29
N ARG A 312 0.17 -6.36 17.27
CA ARG A 312 1.25 -7.33 17.18
C ARG A 312 1.45 -7.96 15.79
N LEU A 313 2.69 -7.93 15.28
CA LEU A 313 3.06 -8.44 13.92
C LEU A 313 4.24 -9.41 14.04
N ARG A 314 4.66 -10.00 12.92
CA ARG A 314 5.60 -11.12 12.94
C ARG A 314 6.82 -10.76 13.76
N LYS A 315 7.48 -9.61 13.49
CA LYS A 315 8.73 -9.24 14.16
C LYS A 315 8.65 -7.96 14.95
N VAL A 316 7.51 -7.31 14.93
CA VAL A 316 7.46 -5.97 15.51
C VAL A 316 6.06 -5.77 16.08
N GLN A 317 5.93 -4.87 17.08
CA GLN A 317 4.61 -4.49 17.61
C GLN A 317 4.49 -2.96 17.65
N HIS A 318 3.25 -2.42 17.57
CA HIS A 318 3.10 -0.96 17.48
C HIS A 318 2.01 -0.47 18.39
N LEU A 319 2.13 0.78 18.85
CA LEU A 319 1.01 1.51 19.43
C LEU A 319 0.18 2.04 18.30
N ARG A 320 -1.14 2.01 18.50
CA ARG A 320 -2.11 2.36 17.49
C ARG A 320 -3.34 3.00 18.15
N ARG A 321 -3.71 4.18 17.69
CA ARG A 321 -4.88 4.89 18.18
C ARG A 321 -5.75 5.12 16.95
N CYS A 322 -6.87 4.40 16.90
CA CYS A 322 -7.85 4.60 15.84
C CYS A 322 -8.38 5.99 15.98
N ILE A 323 -8.80 6.55 14.83
CA ILE A 323 -9.44 7.86 14.71
C ILE A 323 -10.67 7.75 13.76
N TRP A 324 -11.84 8.21 14.23
CA TRP A 324 -13.12 8.28 13.46
C TRP A 324 -13.54 9.74 13.32
N THR A 325 -13.89 10.11 12.10
CA THR A 325 -14.53 11.40 11.83
C THR A 325 -15.48 11.29 10.63
N SER A 326 -16.25 12.35 10.35
CA SER A 326 -17.04 12.52 9.11
C SER A 326 -16.49 13.63 8.28
N LEU A 327 -16.30 13.38 7.00
CA LEU A 327 -15.87 14.43 6.12
C LEU A 327 -17.01 15.39 5.90
N ASN A 328 -16.68 16.65 5.60
CA ASN A 328 -17.63 17.59 5.07
C ASN A 328 -17.95 17.24 3.59
N LYS A 329 -16.92 16.88 2.82
CA LYS A 329 -17.14 16.41 1.48
C LYS A 329 -16.70 14.94 1.29
N ALA A 330 -17.41 14.20 0.44
CA ALA A 330 -17.02 12.82 0.10
C ALA A 330 -15.88 12.83 -0.90
N ASP A 331 -14.68 13.22 -0.47
CA ASP A 331 -13.62 13.60 -1.41
C ASP A 331 -12.32 12.91 -1.05
N ASP A 332 -11.86 12.00 -1.90
CA ASP A 332 -10.58 11.32 -1.63
C ASP A 332 -9.31 12.15 -1.86
N VAL A 333 -9.37 13.24 -2.66
CA VAL A 333 -8.17 14.10 -2.70
C VAL A 333 -7.96 14.90 -1.42
N ILE A 334 -9.07 15.30 -0.77
CA ILE A 334 -8.99 15.93 0.57
C ILE A 334 -8.34 14.95 1.56
N CYS A 335 -8.78 13.68 1.54
CA CYS A 335 -8.23 12.62 2.43
C CYS A 335 -6.75 12.42 2.17
N LEU A 336 -6.34 12.29 0.91
CA LEU A 336 -4.96 12.00 0.66
C LEU A 336 -4.03 13.20 0.93
N HIS A 337 -4.45 14.39 0.45
CA HIS A 337 -3.60 15.57 0.62
CA HIS A 337 -3.66 15.64 0.60
C HIS A 337 -3.53 16.14 2.05
N GLN A 338 -4.62 15.97 2.82
CA GLN A 338 -4.59 16.35 4.20
C GLN A 338 -3.80 15.36 4.98
N LEU A 339 -3.92 14.07 4.67
CA LEU A 339 -3.32 13.05 5.55
C LEU A 339 -1.89 12.74 5.21
N GLN A 340 -1.62 12.47 3.95
CA GLN A 340 -0.26 11.97 3.52
C GLN A 340 0.72 13.12 3.25
N PRO A 341 1.96 13.04 3.79
CA PRO A 341 2.49 11.98 4.65
C PRO A 341 2.29 12.39 6.10
N THR A 342 1.87 11.49 6.97
CA THR A 342 1.59 11.85 8.34
C THR A 342 2.88 11.85 9.12
N ALA A 343 2.79 12.34 10.36
CA ALA A 343 3.96 12.40 11.20
C ALA A 343 4.40 11.02 11.63
N ALA A 344 3.70 9.95 11.19
CA ALA A 344 4.15 8.59 11.46
C ALA A 344 5.25 8.22 10.50
N VAL A 345 5.32 9.00 9.43
CA VAL A 345 6.06 8.63 8.23
C VAL A 345 7.03 9.72 7.75
N ALA A 346 6.71 11.01 7.95
CA ALA A 346 7.61 12.12 7.56
C ALA A 346 8.03 12.93 8.80
N GLY A 347 7.08 13.72 9.31
CA GLY A 347 7.28 14.24 10.66
C GLY A 347 6.52 15.50 11.00
N LEU A 348 7.07 16.26 11.94
CA LEU A 348 6.36 17.41 12.48
C LEU A 348 7.32 18.49 13.02
N PRO A 349 7.10 19.79 12.65
CA PRO A 349 6.12 20.32 11.68
C PRO A 349 6.38 19.65 10.34
N ARG A 350 5.33 19.58 9.50
CA ARG A 350 5.42 18.83 8.23
C ARG A 350 6.51 19.33 7.30
N ASP A 351 6.59 20.64 7.15
CA ASP A 351 7.60 21.32 6.32
C ASP A 351 9.01 21.06 6.71
N LEU A 352 9.37 21.22 7.97
CA LEU A 352 10.76 21.05 8.46
C LEU A 352 11.17 19.61 8.35
N ALA A 353 10.23 18.71 8.61
CA ALA A 353 10.57 17.30 8.49
C ALA A 353 10.77 16.87 7.02
N ARG A 354 9.80 17.16 6.14
CA ARG A 354 10.03 17.01 4.71
C ARG A 354 11.39 17.60 4.21
N GLN A 355 11.74 18.83 4.61
CA GLN A 355 13.05 19.38 4.26
C GLN A 355 14.29 18.62 4.79
N PHE A 356 14.20 18.15 6.03
CA PHE A 356 15.32 17.43 6.63
C PHE A 356 15.58 16.11 5.84
N ILE A 357 14.50 15.44 5.50
CA ILE A 357 14.48 14.17 4.73
C ILE A 357 15.05 14.44 3.34
N ALA A 358 14.56 15.50 2.68
CA ALA A 358 15.07 15.90 1.35
C ALA A 358 16.57 16.13 1.43
N ARG A 359 17.03 16.74 2.53
CA ARG A 359 18.44 17.10 2.71
C ARG A 359 19.36 15.96 3.10
N HIS A 360 18.90 15.07 3.95
CA HIS A 360 19.83 14.13 4.55
C HIS A 360 19.60 12.67 4.24
N GLU A 361 18.44 12.28 3.68
CA GLU A 361 18.25 10.87 3.26
C GLU A 361 18.99 10.48 1.99
N PRO A 362 19.85 9.45 2.09
CA PRO A 362 20.79 9.15 0.99
C PRO A 362 20.16 8.43 -0.20
N PHE A 363 18.83 8.55 -0.35
CA PHE A 363 18.08 7.89 -1.40
C PHE A 363 16.73 8.54 -1.43
N THR A 364 16.02 8.32 -2.52
CA THR A 364 14.66 8.76 -2.70
C THR A 364 13.75 7.60 -2.34
N ARG A 365 12.71 7.88 -1.52
CA ARG A 365 11.84 6.84 -1.01
C ARG A 365 10.98 6.33 -2.16
N GLU A 366 10.62 7.25 -3.06
CA GLU A 366 9.80 6.98 -4.21
C GLU A 366 8.53 6.37 -3.64
N TRP A 367 8.23 5.11 -3.95
CA TRP A 367 6.91 4.53 -3.53
C TRP A 367 6.87 4.28 -2.03
N TYR A 368 8.04 4.01 -1.41
CA TYR A 368 8.13 3.79 0.05
C TYR A 368 7.44 4.91 0.86
N ALA A 369 6.61 4.51 1.83
CA ALA A 369 5.85 5.42 2.74
C ALA A 369 4.81 6.33 2.03
N GLY A 370 4.44 5.95 0.83
CA GLY A 370 3.26 6.48 0.20
C GLY A 370 2.12 5.63 0.63
N SER A 371 1.31 5.22 -0.34
CA SER A 371 0.08 4.61 -0.05
CA SER A 371 0.11 4.55 -0.02
C SER A 371 -0.35 3.68 -1.17
N ALA A 372 -1.22 2.72 -0.83
CA ALA A 372 -1.60 1.62 -1.74
C ALA A 372 -3.07 1.24 -1.51
N GLY A 373 -3.85 1.00 -2.57
CA GLY A 373 -5.24 0.63 -2.38
C GLY A 373 -6.08 1.09 -3.53
N TYR A 374 -7.29 1.52 -3.24
CA TYR A 374 -8.21 1.86 -4.30
C TYR A 374 -9.15 2.99 -3.83
N LEU A 375 -9.64 3.74 -4.82
CA LEU A 375 -10.71 4.72 -4.58
C LEU A 375 -11.83 4.40 -5.55
N SER A 376 -13.06 4.74 -5.15
CA SER A 376 -14.21 4.84 -6.05
C SER A 376 -15.10 5.90 -5.43
N LEU A 377 -16.12 6.32 -6.15
CA LEU A 377 -17.01 7.35 -5.66
C LEU A 377 -17.52 7.01 -4.30
N GLN A 378 -18.02 5.79 -4.14
CA GLN A 378 -18.66 5.41 -2.87
C GLN A 378 -17.65 5.16 -1.71
N GLN A 379 -16.58 4.42 -1.95
CA GLN A 379 -15.68 4.15 -0.87
C GLN A 379 -14.27 4.02 -1.41
N SER A 380 -13.30 4.15 -0.49
CA SER A 380 -11.90 3.96 -0.84
C SER A 380 -11.19 3.42 0.38
N GLU A 381 -10.02 2.81 0.18
CA GLU A 381 -9.18 2.46 1.31
C GLU A 381 -7.72 2.41 0.82
N PHE A 382 -6.86 3.16 1.52
CA PHE A 382 -5.37 3.07 1.32
C PHE A 382 -4.64 2.72 2.57
N CYS A 383 -3.59 1.90 2.43
CA CYS A 383 -2.67 1.70 3.51
C CYS A 383 -1.44 2.51 3.28
N VAL A 384 -0.60 2.58 4.33
CA VAL A 384 0.67 3.20 4.20
C VAL A 384 1.64 2.14 3.65
N SER A 385 2.43 2.54 2.64
CA SER A 385 3.45 1.67 1.97
C SER A 385 4.72 1.45 2.76
N LEU A 386 4.53 0.93 3.98
CA LEU A 386 5.66 0.57 4.82
C LEU A 386 5.95 -0.92 4.60
N ARG A 387 7.07 -1.43 5.12
CA ARG A 387 7.26 -2.90 5.15
C ARG A 387 7.24 -3.38 3.71
N SER A 388 7.93 -2.63 2.85
CA SER A 388 7.75 -2.66 1.43
C SER A 388 9.10 -2.79 0.69
N ALA A 389 9.03 -3.01 -0.62
CA ALA A 389 10.20 -3.38 -1.45
C ALA A 389 9.97 -2.96 -2.85
N LYS A 390 11.05 -2.42 -3.46
CA LYS A 390 11.08 -2.14 -4.90
CA LYS A 390 11.16 -2.08 -4.87
C LYS A 390 12.01 -3.15 -5.55
N ILE A 391 11.47 -3.82 -6.57
CA ILE A 391 12.21 -4.91 -7.27
C ILE A 391 12.51 -4.42 -8.66
N SER A 392 13.81 -4.46 -8.97
CA SER A 392 14.36 -4.05 -10.23
C SER A 392 15.20 -5.22 -10.77
N GLY A 393 14.64 -5.97 -11.72
CA GLY A 393 15.32 -7.17 -12.22
C GLY A 393 15.72 -8.06 -11.06
N ASN A 394 17.03 -8.11 -10.71
CA ASN A 394 17.59 -9.01 -9.64
C ASN A 394 18.06 -8.32 -8.35
N VAL A 395 17.70 -7.04 -8.25
CA VAL A 395 17.91 -6.20 -7.06
C VAL A 395 16.54 -6.06 -6.39
N VAL A 396 16.52 -6.25 -5.08
CA VAL A 396 15.37 -5.91 -4.24
C VAL A 396 15.90 -4.82 -3.36
N ARG A 397 15.29 -3.62 -3.45
CA ARG A 397 15.51 -2.57 -2.41
C ARG A 397 14.52 -2.68 -1.23
N LEU A 398 15.00 -2.94 -0.03
CA LEU A 398 14.14 -2.97 1.13
C LEU A 398 14.20 -1.65 1.88
N TYR A 399 13.04 -1.25 2.39
CA TYR A 399 12.95 0.00 3.09
C TYR A 399 12.51 -0.24 4.47
N ALA A 400 13.01 0.55 5.41
CA ALA A 400 12.61 0.49 6.79
C ALA A 400 12.86 1.89 7.34
N GLY A 401 12.04 2.30 8.30
CA GLY A 401 12.14 3.67 8.84
C GLY A 401 11.83 3.65 10.31
N ALA A 402 12.32 4.68 11.01
CA ALA A 402 12.19 4.86 12.45
C ALA A 402 11.90 6.31 12.67
N GLY A 403 10.80 6.61 13.39
CA GLY A 403 10.47 7.94 13.78
C GLY A 403 11.44 8.50 14.80
N ILE A 404 12.03 9.68 14.49
CA ILE A 404 13.00 10.33 15.41
C ILE A 404 12.41 11.45 16.23
N VAL A 405 12.66 11.36 17.53
CA VAL A 405 12.01 12.22 18.53
CA VAL A 405 11.95 12.11 18.57
C VAL A 405 13.02 12.42 19.65
N ARG A 406 12.80 13.39 20.52
CA ARG A 406 13.72 13.64 21.64
C ARG A 406 13.98 12.34 22.35
N GLY A 407 15.28 12.01 22.54
CA GLY A 407 15.59 10.80 23.25
C GLY A 407 15.91 9.60 22.32
N SER A 408 15.80 9.77 21.00
CA SER A 408 16.09 8.62 20.15
C SER A 408 17.57 8.27 20.34
N ASP A 409 17.80 6.98 20.55
CA ASP A 409 19.13 6.43 20.62
C ASP A 409 19.42 5.76 19.29
N PRO A 410 20.50 6.20 18.58
CA PRO A 410 20.75 5.65 17.24
C PRO A 410 20.84 4.12 17.19
N GLU A 411 21.56 3.51 18.13
CA GLU A 411 21.71 2.07 18.14
C GLU A 411 20.39 1.31 18.34
N GLN A 412 19.56 1.81 19.22
CA GLN A 412 18.17 1.32 19.33
C GLN A 412 17.33 1.49 18.05
N GLU A 413 17.53 2.62 17.34
CA GLU A 413 16.80 2.90 16.11
C GLU A 413 17.30 2.02 14.97
N TRP A 414 18.61 1.77 14.92
CA TRP A 414 19.14 0.75 13.96
C TRP A 414 18.48 -0.60 14.19
N GLN A 415 18.44 -1.04 15.43
CA GLN A 415 17.77 -2.29 15.79
C GLN A 415 16.27 -2.30 15.36
N GLU A 416 15.60 -1.18 15.59
CA GLU A 416 14.19 -0.99 15.12
C GLU A 416 14.02 -1.21 13.63
N ILE A 417 14.80 -0.51 12.83
CA ILE A 417 14.66 -0.62 11.37
C ILE A 417 15.04 -2.00 10.79
N ASP A 418 15.95 -2.67 11.47
CA ASP A 418 16.29 -4.07 11.17
C ASP A 418 15.11 -5.01 11.47
N ASN A 419 14.43 -4.83 12.60
CA ASN A 419 13.31 -5.66 12.90
C ASN A 419 12.20 -5.44 11.86
N LYS A 420 12.04 -4.18 11.46
CA LYS A 420 11.10 -3.82 10.38
C LYS A 420 11.50 -4.40 9.02
N ALA A 421 12.78 -4.23 8.66
CA ALA A 421 13.24 -4.79 7.37
C ALA A 421 13.12 -6.32 7.34
N ALA A 422 13.27 -6.94 8.51
CA ALA A 422 13.23 -8.43 8.61
C ALA A 422 11.98 -9.12 8.10
N GLY A 423 10.79 -8.53 8.28
CA GLY A 423 9.53 -9.17 7.83
C GLY A 423 9.57 -9.55 6.36
N LEU A 424 10.22 -8.71 5.56
CA LEU A 424 10.44 -8.99 4.15
C LEU A 424 11.78 -9.70 3.88
N ARG A 425 12.85 -9.27 4.54
CA ARG A 425 14.18 -9.79 4.23
C ARG A 425 14.27 -11.30 4.49
N THR A 426 13.62 -11.78 5.56
CA THR A 426 13.79 -13.17 5.93
C THR A 426 13.16 -14.06 4.92
N LEU A 427 12.42 -13.50 3.98
CA LEU A 427 11.76 -14.27 2.92
C LEU A 427 12.71 -14.54 1.77
N LEU A 428 13.78 -13.73 1.71
CA LEU A 428 14.70 -13.66 0.59
C LEU A 428 15.98 -14.38 0.98
N GLN A 429 16.28 -14.32 2.26
CA GLN A 429 17.46 -14.94 2.83
C GLN A 429 16.96 -15.83 3.96
N MET A 430 16.83 -17.12 3.61
CA MET A 430 16.25 -18.14 4.51
CA MET A 430 16.28 -18.16 4.47
C MET A 430 17.22 -18.52 5.64
MG MG B . 9.90 4.01 16.38
S SO4 C . 7.73 3.91 14.52
O1 SO4 C . 7.31 3.03 13.46
O2 SO4 C . 6.83 5.05 14.63
O3 SO4 C . 7.81 3.25 15.80
O4 SO4 C . 9.04 4.54 14.25
S SO4 D . -9.97 -2.62 10.49
O1 SO4 D . -11.24 -2.40 9.77
O2 SO4 D . -9.63 -1.39 11.17
O3 SO4 D . -10.13 -3.61 11.62
O4 SO4 D . -8.92 -3.20 9.59
S SO4 E . 8.97 0.86 7.74
O1 SO4 E . 8.32 -0.02 6.80
O2 SO4 E . 8.10 1.67 8.58
O3 SO4 E . 9.66 0.05 8.71
O4 SO4 E . 9.88 1.68 7.01
#